data_7I2V
#
_entry.id   7I2V
#
_cell.length_a   82.312
_cell.length_b   115.777
_cell.length_c   146.816
_cell.angle_alpha   90.00
_cell.angle_beta   90.00
_cell.angle_gamma   90.00
#
_symmetry.space_group_name_H-M   'I 2 2 2'
#
loop_
_entity.id
_entity.type
_entity.pdbx_description
1 polymer 'NS5 RNA-dependent RNA polymerase'
2 non-polymer 'ZINC ION'
3 non-polymer '2-(N-MORPHOLINO)-ETHANESULFONIC ACID'
4 non-polymer 'DIMETHYL SULFOXIDE'
5 non-polymer 'PHOSPHATE ION'
6 non-polymer DI(HYDROXYETHYL)ETHER
7 non-polymer N-{4-[(1S)-1-aminoethyl]phenyl}cyclopropanecarboxamide
8 non-polymer 'CHLORIDE ION'
9 water water
#
_entity_poly.entity_id   1
_entity_poly.type   'polypeptide(L)'
_entity_poly.pdbx_seq_one_letter_code
;GPGIESETPNLDIIGKRIEKIKQEHETSWHYDQDHPYKTWAYHGSYETKQTGSASSMVNGVVRLLTKPWDIIPMVTQMAM
TDTTPFGQQRVFKEKVDTRTQEPKEGTKKLMKITAEWLWKELGKKKTPRMCTREEFTRKVRSNAALGAIFTDENKWKSAR
EAVEDSGFWELVDKERNLHLEGKCETCVYNMMGKREKKLGEFGKAKGSRAIWYMWLGARFLEFEALGFLNEDHWFSRENS
LSGVEGEGLHKLGYILRDVSKKEGGAMYADDTAGWDTRITLEDLKNEEMVTNHMEGEHKKLAEAIFKLTYQNKVVRVQRP
TPRGTVMDIISRRDQRGSGQVVTYGLNTFTNMEAQLIRQMEGEGVFKSIQHLTVTEEIAVKNWLVRVGRERLSRMAISGD
DCVVKPLDDRFASALTALNDMGKVRKDIQQWEPSRGWNDWTQVPFCSHHFHELIMKDGRVLVVPCRNQDELIGRARISQG
AGWSLRETACLGKSYAQMWSLMYFHRRDLRLAANAICSAVPSHWVPTSRTTWSIHATHEWMTTEDMLTVWNRVWIQENPW
MEDKTPVESWEEIPYLGKREDQWCGSLIGLTSRATWAKNIQTAINQVRSLIGNEEYTDYMPSMKRFRREEEEAGVLW
;
_entity_poly.pdbx_strand_id   A
#
loop_
_chem_comp.id
_chem_comp.type
_chem_comp.name
_chem_comp.formula
CL non-polymer 'CHLORIDE ION' 'Cl -1'
DMS non-polymer 'DIMETHYL SULFOXIDE' 'C2 H6 O S'
MES non-polymer '2-(N-MORPHOLINO)-ETHANESULFONIC ACID' 'C6 H13 N O4 S'
NY4 non-polymer N-{4-[(1S)-1-aminoethyl]phenyl}cyclopropanecarboxamide 'C12 H16 N2 O'
PEG non-polymer DI(HYDROXYETHYL)ETHER 'C4 H10 O3'
PO4 non-polymer 'PHOSPHATE ION' 'O4 P -3'
ZN non-polymer 'ZINC ION' 'Zn 2'
#
# COMPACT_ATOMS: atom_id res chain seq x y z
N ASN A 10 16.52 -22.48 -14.25
CA ASN A 10 17.73 -21.64 -14.59
C ASN A 10 17.62 -21.25 -16.08
N LEU A 11 18.72 -21.34 -16.85
CA LEU A 11 18.97 -20.54 -18.08
C LEU A 11 18.01 -20.89 -19.21
N ASP A 12 17.38 -22.07 -19.16
CA ASP A 12 16.38 -22.50 -20.18
C ASP A 12 15.22 -21.48 -20.23
N ILE A 13 14.82 -20.91 -19.08
CA ILE A 13 13.63 -20.01 -18.93
C ILE A 13 14.04 -18.54 -19.10
N ILE A 14 15.26 -18.19 -18.74
CA ILE A 14 15.72 -16.77 -18.71
C ILE A 14 16.65 -16.47 -19.89
N GLY A 15 17.24 -17.49 -20.52
CA GLY A 15 18.17 -17.38 -21.66
C GLY A 15 17.68 -16.45 -22.75
N LYS A 16 16.46 -16.67 -23.25
CA LYS A 16 15.89 -15.88 -24.37
C LYS A 16 15.91 -14.40 -24.01
N ARG A 17 15.46 -14.06 -22.80
CA ARG A 17 15.43 -12.66 -22.30
C ARG A 17 16.86 -12.12 -22.26
N ILE A 18 17.79 -12.93 -21.74
CA ILE A 18 19.24 -12.56 -21.57
C ILE A 18 19.85 -12.42 -22.96
N GLU A 19 19.77 -13.47 -23.77
CA GLU A 19 20.26 -13.54 -25.18
C GLU A 19 19.76 -12.32 -25.97
N LYS A 20 18.47 -11.98 -25.85
CA LYS A 20 17.87 -10.81 -26.55
C LYS A 20 18.61 -9.53 -26.17
N ILE A 21 18.84 -9.33 -24.86
CA ILE A 21 19.42 -8.08 -24.31
C ILE A 21 20.87 -7.95 -24.79
N LYS A 22 21.65 -9.03 -24.72
CA LYS A 22 23.04 -9.04 -25.23
C LYS A 22 23.05 -8.46 -26.64
N GLN A 23 22.28 -9.05 -27.55
CA GLN A 23 22.23 -8.68 -29.00
C GLN A 23 21.94 -7.18 -29.18
N GLU A 24 21.09 -6.55 -28.37
CA GLU A 24 20.74 -5.11 -28.53
C GLU A 24 21.94 -4.24 -28.13
N HIS A 25 22.85 -4.75 -27.29
CA HIS A 25 24.08 -4.05 -26.82
C HIS A 25 25.31 -4.95 -27.07
N GLU A 26 25.40 -5.55 -28.27
CA GLU A 26 26.47 -6.50 -28.71
C GLU A 26 27.80 -5.75 -28.82
N THR A 27 27.74 -4.42 -28.94
CA THR A 27 28.92 -3.52 -29.01
C THR A 27 29.28 -3.01 -27.61
N SER A 28 28.83 -3.65 -26.51
CA SER A 28 29.21 -3.31 -25.10
C SER A 28 29.41 -4.53 -24.19
N TRP A 29 28.92 -5.73 -24.53
CA TRP A 29 28.82 -6.87 -23.59
C TRP A 29 30.19 -7.19 -22.95
N HIS A 30 30.28 -7.09 -21.62
CA HIS A 30 31.48 -7.46 -20.82
C HIS A 30 31.06 -8.18 -19.53
N TYR A 31 31.65 -9.35 -19.28
CA TYR A 31 31.34 -10.21 -18.09
C TYR A 31 32.24 -9.82 -16.90
N ASP A 32 32.12 -8.58 -16.41
CA ASP A 32 32.89 -8.02 -15.26
C ASP A 32 33.00 -9.06 -14.12
N GLN A 33 34.20 -9.17 -13.50
CA GLN A 33 34.57 -10.19 -12.48
C GLN A 33 34.74 -9.53 -11.09
N ASP A 34 34.49 -8.22 -10.98
CA ASP A 34 34.37 -7.50 -9.68
C ASP A 34 32.90 -7.08 -9.53
N HIS A 35 31.97 -8.01 -9.77
CA HIS A 35 30.50 -7.81 -9.65
C HIS A 35 30.09 -8.04 -8.19
N PRO A 36 29.38 -7.06 -7.57
CA PRO A 36 29.07 -7.12 -6.15
C PRO A 36 28.06 -8.18 -5.70
N TYR A 37 27.69 -9.12 -6.58
CA TYR A 37 26.56 -10.05 -6.37
C TYR A 37 27.08 -11.37 -5.85
N LYS A 38 26.48 -11.85 -4.75
CA LYS A 38 26.70 -13.21 -4.18
C LYS A 38 25.39 -14.02 -4.31
N THR A 39 24.26 -13.43 -3.90
CA THR A 39 22.92 -14.07 -3.90
C THR A 39 22.37 -14.05 -5.33
N TRP A 40 22.25 -12.84 -5.92
CA TRP A 40 21.79 -12.62 -7.31
C TRP A 40 22.75 -13.32 -8.28
N ALA A 41 22.19 -14.00 -9.29
CA ALA A 41 23.06 -14.57 -10.36
C ALA A 41 23.41 -13.46 -11.34
N TYR A 42 24.71 -13.28 -11.62
CA TYR A 42 25.17 -12.21 -12.55
C TYR A 42 25.40 -12.83 -13.93
N HIS A 43 25.06 -12.09 -14.98
CA HIS A 43 25.17 -12.66 -16.34
C HIS A 43 26.04 -11.76 -17.23
N GLY A 44 26.01 -10.44 -17.01
CA GLY A 44 26.78 -9.55 -17.90
C GLY A 44 26.46 -8.08 -17.68
N SER A 45 27.08 -7.20 -18.47
CA SER A 45 26.91 -5.74 -18.29
C SER A 45 26.99 -5.01 -19.64
N TYR A 46 26.49 -3.78 -19.71
CA TYR A 46 26.59 -2.99 -20.97
C TYR A 46 26.69 -1.49 -20.65
N GLU A 47 26.94 -0.65 -21.67
CA GLU A 47 27.18 0.80 -21.46
C GLU A 47 25.84 1.52 -21.26
N THR A 48 25.75 2.37 -20.22
CA THR A 48 24.56 3.16 -19.84
C THR A 48 24.99 4.46 -19.16
N LYS A 49 24.19 5.53 -19.28
CA LYS A 49 24.41 6.84 -18.63
C LYS A 49 23.06 7.57 -18.46
N GLN A 50 22.54 7.63 -17.23
CA GLN A 50 21.28 8.33 -16.85
C GLN A 50 21.18 8.38 -15.33
N THR A 51 20.26 9.21 -14.79
CA THR A 51 19.95 9.37 -13.34
C THR A 51 20.57 8.23 -12.53
N SER A 55 14.02 13.54 -7.97
CA SER A 55 13.96 13.95 -6.54
C SER A 55 12.65 14.70 -6.24
N SER A 56 12.35 14.86 -4.94
CA SER A 56 11.13 15.48 -4.37
C SER A 56 11.24 17.02 -4.40
N MET A 57 10.25 17.71 -4.96
CA MET A 57 10.18 19.20 -5.00
C MET A 57 9.21 19.71 -3.91
N VAL A 58 9.38 20.93 -3.41
CA VAL A 58 8.40 21.48 -2.43
C VAL A 58 7.19 22.11 -3.13
N ASN A 59 5.99 21.82 -2.64
CA ASN A 59 4.73 22.48 -2.99
C ASN A 59 4.69 23.85 -2.31
N GLY A 60 4.84 24.93 -3.08
CA GLY A 60 4.90 26.31 -2.56
C GLY A 60 3.55 26.79 -2.02
N VAL A 61 2.46 26.31 -2.55
CA VAL A 61 1.14 26.72 -2.03
C VAL A 61 0.98 26.20 -0.59
N VAL A 62 1.22 24.91 -0.34
CA VAL A 62 1.06 24.31 1.02
C VAL A 62 2.08 24.98 1.98
N ARG A 63 3.30 25.15 1.54
CA ARG A 63 4.33 25.71 2.42
C ARG A 63 4.00 27.17 2.81
N LEU A 64 3.56 28.01 1.88
CA LEU A 64 3.29 29.43 2.23
C LEU A 64 2.14 29.48 3.26
N LEU A 65 1.27 28.49 3.27
CA LEU A 65 0.10 28.49 4.19
C LEU A 65 0.38 27.65 5.46
N THR A 66 1.61 27.20 5.66
CA THR A 66 2.01 26.43 6.86
C THR A 66 3.35 27.01 7.38
N LYS A 67 3.44 28.30 7.52
CA LYS A 67 4.69 28.99 7.92
C LYS A 67 5.24 28.53 9.28
N PRO A 68 4.46 28.30 10.35
CA PRO A 68 5.02 27.85 11.63
C PRO A 68 5.92 26.60 11.49
N TRP A 69 5.66 25.79 10.45
CA TRP A 69 6.34 24.51 10.26
C TRP A 69 7.65 24.73 9.55
N ASP A 70 7.93 25.95 9.10
CA ASP A 70 9.21 26.24 8.41
C ASP A 70 10.41 26.01 9.35
N ILE A 71 10.17 25.95 10.65
CA ILE A 71 11.26 25.90 11.67
C ILE A 71 11.21 24.57 12.42
N ILE A 72 10.32 23.63 12.04
CA ILE A 72 10.21 22.29 12.66
C ILE A 72 11.03 21.30 11.82
N PRO A 73 12.22 20.86 12.32
CA PRO A 73 13.10 19.94 11.60
C PRO A 73 12.44 18.64 11.10
N MET A 74 11.48 18.09 11.82
CA MET A 74 10.76 16.86 11.39
C MET A 74 10.02 17.16 10.08
N VAL A 75 9.43 18.35 9.92
CA VAL A 75 8.74 18.76 8.66
C VAL A 75 9.75 19.03 7.57
N THR A 76 10.72 19.90 7.80
CA THR A 76 11.62 20.44 6.75
C THR A 76 12.60 19.39 6.26
N GLN A 77 13.04 18.47 7.12
CA GLN A 77 14.02 17.42 6.71
C GLN A 77 13.34 16.43 5.78
N MET A 78 12.03 16.26 5.87
CA MET A 78 11.32 15.27 5.02
C MET A 78 11.51 15.62 3.56
N ALA A 79 11.80 16.90 3.25
CA ALA A 79 11.84 17.36 1.83
C ALA A 79 13.25 17.26 1.24
N MET A 80 14.30 16.93 2.01
CA MET A 80 15.70 16.89 1.51
C MET A 80 16.01 15.48 0.94
N THR A 81 17.12 15.31 0.22
CA THR A 81 17.74 14.00 -0.12
C THR A 81 18.21 13.91 -1.57
N LYS A 93 19.17 -2.00 -0.58
CA LYS A 93 20.62 -1.72 -0.53
C LYS A 93 21.37 -3.03 -0.27
N GLU A 94 21.60 -3.36 1.01
CA GLU A 94 22.23 -4.63 1.47
C GLU A 94 21.13 -5.56 2.02
N LYS A 95 19.87 -5.25 1.71
CA LYS A 95 18.67 -6.05 2.06
C LYS A 95 18.24 -6.90 0.85
N VAL A 96 18.30 -6.32 -0.36
CA VAL A 96 17.93 -6.99 -1.64
C VAL A 96 18.92 -8.12 -1.91
N ASP A 97 20.22 -7.90 -1.67
CA ASP A 97 21.30 -8.89 -1.90
C ASP A 97 21.39 -9.79 -0.66
N THR A 98 20.32 -10.54 -0.36
CA THR A 98 20.22 -11.54 0.73
C THR A 98 19.39 -12.74 0.22
N ARG A 99 19.42 -13.87 0.93
CA ARG A 99 18.65 -15.09 0.60
C ARG A 99 18.12 -15.75 1.88
N THR A 100 16.82 -16.03 1.93
CA THR A 100 16.13 -16.76 3.04
C THR A 100 16.35 -18.26 2.85
N GLN A 101 16.65 -18.98 3.94
CA GLN A 101 16.88 -20.46 3.96
C GLN A 101 15.59 -21.19 3.57
N GLU A 102 15.71 -22.43 3.10
CA GLU A 102 14.57 -23.33 2.79
C GLU A 102 13.90 -23.75 4.10
N PRO A 103 12.60 -23.44 4.30
CA PRO A 103 11.89 -23.88 5.51
C PRO A 103 11.96 -25.40 5.76
N LYS A 104 11.87 -25.81 7.02
CA LYS A 104 11.73 -27.22 7.46
C LYS A 104 10.52 -27.84 6.73
N GLU A 105 10.43 -29.17 6.68
CA GLU A 105 9.42 -29.92 5.90
C GLU A 105 8.03 -29.75 6.52
N GLY A 106 7.96 -29.67 7.86
CA GLY A 106 6.69 -29.47 8.58
C GLY A 106 6.13 -28.06 8.36
N THR A 107 6.99 -27.05 8.32
CA THR A 107 6.67 -25.66 7.91
C THR A 107 6.07 -25.69 6.49
N LYS A 108 6.78 -26.27 5.51
CA LYS A 108 6.30 -26.41 4.09
C LYS A 108 4.90 -27.05 4.03
N LYS A 109 4.61 -28.06 4.84
CA LYS A 109 3.30 -28.76 4.82
C LYS A 109 2.18 -27.87 5.39
N LEU A 110 2.46 -27.20 6.52
CA LEU A 110 1.56 -26.22 7.22
C LEU A 110 1.14 -25.16 6.20
N MET A 111 2.11 -24.62 5.48
CA MET A 111 1.96 -23.53 4.49
C MET A 111 1.11 -24.03 3.30
N LYS A 112 1.42 -25.20 2.75
CA LYS A 112 0.72 -25.76 1.57
C LYS A 112 -0.73 -26.02 1.96
N ILE A 113 -0.97 -26.65 3.11
CA ILE A 113 -2.35 -27.01 3.55
C ILE A 113 -3.13 -25.73 3.76
N THR A 114 -2.49 -24.72 4.38
CA THR A 114 -3.19 -23.46 4.78
C THR A 114 -3.53 -22.67 3.51
N ALA A 115 -2.58 -22.59 2.58
CA ALA A 115 -2.70 -21.89 1.28
C ALA A 115 -3.86 -22.48 0.46
N GLU A 116 -3.94 -23.82 0.42
CA GLU A 116 -5.01 -24.57 -0.29
C GLU A 116 -6.37 -24.15 0.27
N TRP A 117 -6.54 -24.26 1.58
CA TRP A 117 -7.78 -23.90 2.29
C TRP A 117 -8.14 -22.42 2.04
N LEU A 118 -7.13 -21.54 1.94
CA LEU A 118 -7.38 -20.09 1.91
C LEU A 118 -7.84 -19.63 0.51
N TRP A 119 -7.16 -20.06 -0.55
CA TRP A 119 -7.64 -19.92 -1.95
C TRP A 119 -9.08 -20.43 -2.15
N LYS A 120 -9.43 -21.58 -1.56
CA LYS A 120 -10.81 -22.14 -1.61
C LYS A 120 -11.77 -21.14 -0.98
N GLU A 121 -11.46 -20.69 0.24
CA GLU A 121 -12.32 -19.74 1.00
C GLU A 121 -12.49 -18.45 0.19
N LEU A 122 -11.39 -17.93 -0.39
CA LEU A 122 -11.42 -16.64 -1.13
C LEU A 122 -12.24 -16.82 -2.43
N GLY A 123 -12.19 -18.01 -3.01
CA GLY A 123 -12.84 -18.37 -4.28
C GLY A 123 -14.29 -18.76 -4.11
N LYS A 124 -14.77 -19.01 -2.88
CA LYS A 124 -16.17 -19.46 -2.65
C LYS A 124 -17.18 -18.56 -3.37
N LYS A 125 -17.02 -17.24 -3.31
CA LYS A 125 -18.03 -16.27 -3.82
C LYS A 125 -17.40 -15.40 -4.93
N LYS A 126 -16.29 -15.81 -5.50
CA LYS A 126 -15.63 -15.07 -6.58
C LYS A 126 -15.29 -16.04 -7.70
N THR A 127 -15.24 -15.50 -8.93
CA THR A 127 -14.86 -16.23 -10.16
C THR A 127 -13.59 -15.60 -10.70
N PRO A 128 -12.44 -16.27 -10.76
CA PRO A 128 -11.28 -15.71 -11.45
C PRO A 128 -11.67 -15.37 -12.91
N ARG A 129 -11.02 -14.38 -13.50
CA ARG A 129 -11.37 -13.95 -14.88
C ARG A 129 -10.24 -13.08 -15.40
N MET A 130 -10.08 -13.07 -16.72
CA MET A 130 -9.07 -12.22 -17.39
C MET A 130 -9.52 -10.76 -17.27
N CYS A 131 -8.58 -9.86 -17.08
CA CYS A 131 -8.82 -8.41 -17.21
C CYS A 131 -8.53 -8.01 -18.68
N THR A 132 -9.15 -6.93 -19.17
CA THR A 132 -9.19 -6.62 -20.64
C THR A 132 -8.32 -5.41 -20.98
N ARG A 133 -7.96 -5.29 -22.26
CA ARG A 133 -7.25 -4.13 -22.85
C ARG A 133 -8.06 -2.86 -22.55
N GLU A 134 -9.39 -2.94 -22.72
CA GLU A 134 -10.34 -1.84 -22.45
C GLU A 134 -10.13 -1.36 -21.01
N GLU A 135 -10.17 -2.29 -20.04
CA GLU A 135 -9.95 -2.00 -18.59
C GLU A 135 -8.57 -1.34 -18.38
N PHE A 136 -7.53 -1.91 -18.99
CA PHE A 136 -6.13 -1.42 -18.86
C PHE A 136 -5.97 -0.03 -19.47
N THR A 137 -6.56 0.17 -20.65
CA THR A 137 -6.58 1.45 -21.41
C THR A 137 -7.22 2.54 -20.54
N ARG A 138 -8.38 2.26 -19.95
CA ARG A 138 -9.14 3.20 -19.08
C ARG A 138 -8.29 3.54 -17.85
N LYS A 139 -7.46 2.60 -17.40
CA LYS A 139 -6.61 2.73 -16.19
C LYS A 139 -5.50 3.75 -16.43
N VAL A 140 -4.87 3.73 -17.61
CA VAL A 140 -3.71 4.62 -17.96
C VAL A 140 -4.25 6.01 -18.33
N ARG A 141 -5.44 6.08 -18.94
CA ARG A 141 -6.10 7.35 -19.34
C ARG A 141 -6.56 8.12 -18.09
N SER A 142 -6.77 7.41 -16.97
CA SER A 142 -7.17 7.97 -15.65
C SER A 142 -5.94 8.17 -14.74
N ASN A 143 -4.78 7.68 -15.16
CA ASN A 143 -3.48 7.77 -14.41
C ASN A 143 -3.57 7.00 -13.09
N ALA A 144 -3.07 5.77 -13.07
CA ALA A 144 -2.76 5.01 -11.84
C ALA A 144 -1.26 4.70 -11.85
N ALA A 145 -0.67 4.47 -10.66
CA ALA A 145 0.76 4.11 -10.50
C ALA A 145 0.96 2.65 -10.96
N LEU A 146 1.13 2.45 -12.27
CA LEU A 146 1.30 1.11 -12.91
C LEU A 146 2.78 0.72 -12.93
N GLY A 147 3.69 1.68 -12.73
CA GLY A 147 5.14 1.42 -12.64
C GLY A 147 5.73 0.86 -13.93
N ALA A 148 5.53 1.57 -15.05
CA ALA A 148 6.10 1.27 -16.40
C ALA A 148 7.39 2.08 -16.61
N ILE A 149 7.94 2.11 -17.84
CA ILE A 149 9.24 2.78 -18.17
C ILE A 149 9.01 4.01 -19.05
N LYS A 155 9.82 3.34 -28.69
CA LYS A 155 8.89 3.65 -29.81
C LYS A 155 7.84 4.65 -29.34
N TRP A 156 7.52 4.64 -28.04
CA TRP A 156 6.52 5.58 -27.47
C TRP A 156 7.09 6.23 -26.21
N LYS A 157 6.58 7.41 -25.85
CA LYS A 157 7.07 8.14 -24.65
C LYS A 157 6.12 7.88 -23.49
N SER A 158 4.89 8.37 -23.59
CA SER A 158 3.89 8.19 -22.50
C SER A 158 3.20 6.84 -22.69
N ALA A 159 2.67 6.26 -21.60
CA ALA A 159 1.93 4.99 -21.71
C ALA A 159 0.59 5.27 -22.40
N ARG A 160 0.09 6.50 -22.25
CA ARG A 160 -1.18 6.89 -22.92
C ARG A 160 -1.01 6.69 -24.43
N GLU A 161 0.14 7.08 -24.98
CA GLU A 161 0.39 6.95 -26.45
C GLU A 161 0.33 5.49 -26.86
N ALA A 162 1.00 4.60 -26.12
CA ALA A 162 1.05 3.17 -26.50
C ALA A 162 -0.37 2.60 -26.52
N VAL A 163 -1.15 2.87 -25.48
CA VAL A 163 -2.55 2.36 -25.40
C VAL A 163 -3.28 2.79 -26.68
N GLU A 164 -3.00 4.00 -27.15
CA GLU A 164 -3.63 4.51 -28.41
C GLU A 164 -2.96 3.84 -29.61
N ASP A 165 -1.64 3.62 -29.54
CA ASP A 165 -0.90 2.99 -30.66
C ASP A 165 -1.41 1.55 -30.85
N SER A 166 -1.09 0.93 -31.98
CA SER A 166 -1.65 -0.43 -32.27
C SER A 166 -0.53 -1.44 -32.48
N GLY A 167 0.69 -0.98 -32.79
CA GLY A 167 1.82 -1.91 -32.90
C GLY A 167 2.15 -2.48 -31.54
N PHE A 168 2.11 -1.63 -30.52
CA PHE A 168 2.37 -2.10 -29.12
C PHE A 168 1.53 -3.34 -28.87
N TRP A 169 0.26 -3.30 -29.24
CA TRP A 169 -0.66 -4.44 -28.99
C TRP A 169 -0.22 -5.66 -29.81
N GLU A 170 0.41 -5.45 -30.97
CA GLU A 170 0.94 -6.62 -31.71
C GLU A 170 2.14 -7.14 -30.93
N LEU A 171 2.92 -6.23 -30.33
CA LEU A 171 4.05 -6.64 -29.48
C LEU A 171 3.51 -7.46 -28.31
N VAL A 172 2.42 -6.99 -27.70
CA VAL A 172 1.77 -7.75 -26.59
C VAL A 172 1.37 -9.12 -27.10
N ASP A 173 0.75 -9.18 -28.28
CA ASP A 173 0.26 -10.47 -28.81
C ASP A 173 1.44 -11.42 -28.94
N LYS A 174 2.56 -10.94 -29.48
CA LYS A 174 3.71 -11.82 -29.71
C LYS A 174 4.10 -12.43 -28.37
N GLU A 175 4.38 -11.58 -27.39
CA GLU A 175 4.80 -12.05 -26.04
C GLU A 175 3.76 -13.03 -25.52
N ARG A 176 2.47 -12.65 -25.62
CA ARG A 176 1.31 -13.48 -25.16
C ARG A 176 1.41 -14.89 -25.78
N ASN A 177 1.56 -15.00 -27.10
CA ASN A 177 1.69 -16.32 -27.76
C ASN A 177 2.94 -17.03 -27.24
N LEU A 178 4.02 -16.29 -27.01
CA LEU A 178 5.24 -16.85 -26.36
C LEU A 178 4.90 -17.46 -25.01
N HIS A 179 4.21 -16.69 -24.16
CA HIS A 179 3.74 -17.19 -22.83
C HIS A 179 2.91 -18.48 -22.98
N LEU A 180 2.04 -18.57 -23.99
CA LEU A 180 1.19 -19.78 -24.24
C LEU A 180 2.11 -20.97 -24.59
N GLU A 181 3.19 -20.69 -25.31
CA GLU A 181 4.23 -21.67 -25.74
C GLU A 181 4.95 -22.21 -24.49
N GLY A 182 5.10 -21.37 -23.47
CA GLY A 182 5.85 -21.66 -22.23
C GLY A 182 7.19 -20.95 -22.19
N LYS A 183 7.35 -19.91 -23.01
CA LYS A 183 8.60 -19.11 -23.17
C LYS A 183 8.31 -17.63 -22.88
N CYS A 184 9.36 -16.84 -22.63
CA CYS A 184 9.29 -15.38 -22.35
C CYS A 184 10.45 -14.64 -23.04
N GLU A 185 10.23 -13.41 -23.53
CA GLU A 185 11.27 -12.65 -24.28
C GLU A 185 11.56 -11.25 -23.70
N THR A 186 10.53 -10.52 -23.25
CA THR A 186 10.62 -9.07 -22.94
C THR A 186 10.13 -8.75 -21.51
N CYS A 187 9.88 -9.76 -20.67
CA CYS A 187 9.34 -9.53 -19.29
C CYS A 187 10.51 -9.43 -18.29
N VAL A 188 11.08 -8.22 -18.23
CA VAL A 188 12.36 -7.91 -17.51
C VAL A 188 12.14 -6.77 -16.52
N TYR A 189 12.64 -6.96 -15.30
CA TYR A 189 12.56 -5.96 -14.21
C TYR A 189 13.73 -4.98 -14.31
N ASN A 190 13.46 -3.70 -14.02
CA ASN A 190 14.45 -2.60 -13.87
C ASN A 190 14.40 -2.07 -12.44
N MET A 191 15.45 -2.33 -11.62
CA MET A 191 15.58 -1.88 -10.21
C MET A 191 16.07 -0.43 -10.20
N MET A 192 15.61 0.39 -9.23
CA MET A 192 15.91 1.85 -9.12
C MET A 192 15.75 2.32 -7.67
N ALA A 210 12.90 -0.38 -2.76
CA ALA A 210 13.32 -0.70 -4.14
C ALA A 210 12.10 -1.09 -4.99
N ILE A 211 11.84 -0.34 -6.07
CA ILE A 211 10.67 -0.53 -6.98
C ILE A 211 11.18 -1.14 -8.30
N TRP A 212 10.48 -2.16 -8.80
CA TRP A 212 10.86 -2.93 -10.02
C TRP A 212 9.88 -2.62 -11.15
N TYR A 213 10.19 -1.61 -11.97
CA TYR A 213 9.36 -1.22 -13.15
C TYR A 213 9.59 -2.24 -14.29
N MET A 214 8.53 -2.55 -15.07
CA MET A 214 8.60 -3.35 -16.31
C MET A 214 8.12 -2.48 -17.46
N TRP A 215 8.37 -2.85 -18.72
CA TRP A 215 7.73 -2.11 -19.84
C TRP A 215 6.20 -2.37 -19.79
N LEU A 216 5.42 -1.40 -20.29
CA LEU A 216 3.95 -1.36 -20.16
C LEU A 216 3.33 -2.67 -20.66
N GLY A 217 3.92 -3.27 -21.70
CA GLY A 217 3.42 -4.54 -22.28
C GLY A 217 3.44 -5.66 -21.27
N ALA A 218 4.53 -5.79 -20.51
CA ALA A 218 4.68 -6.83 -19.48
C ALA A 218 3.67 -6.58 -18.34
N ARG A 219 3.44 -5.32 -18.00
CA ARG A 219 2.43 -4.88 -17.00
C ARG A 219 1.03 -5.28 -17.48
N PHE A 220 0.74 -5.05 -18.76
CA PHE A 220 -0.54 -5.48 -19.34
C PHE A 220 -0.75 -6.96 -19.05
N LEU A 221 0.26 -7.77 -19.33
CA LEU A 221 0.13 -9.25 -19.31
C LEU A 221 -0.03 -9.70 -17.86
N GLU A 222 0.69 -9.06 -16.93
CA GLU A 222 0.49 -9.35 -15.49
C GLU A 222 -0.94 -8.96 -15.10
N PHE A 223 -1.41 -7.79 -15.53
CA PHE A 223 -2.77 -7.27 -15.22
C PHE A 223 -3.86 -8.15 -15.83
N GLU A 224 -3.67 -8.62 -17.05
CA GLU A 224 -4.60 -9.57 -17.74
C GLU A 224 -4.76 -10.84 -16.89
N ALA A 225 -3.66 -11.35 -16.34
CA ALA A 225 -3.65 -12.64 -15.65
C ALA A 225 -4.16 -12.50 -14.22
N LEU A 226 -3.75 -11.45 -13.50
CA LEU A 226 -3.88 -11.41 -12.01
C LEU A 226 -4.63 -10.17 -11.53
N GLY A 227 -5.00 -9.29 -12.44
CA GLY A 227 -5.71 -8.04 -12.10
C GLY A 227 -7.02 -8.30 -11.42
N PHE A 228 -7.61 -9.48 -11.64
CA PHE A 228 -8.92 -9.79 -11.02
C PHE A 228 -8.81 -9.70 -9.50
N LEU A 229 -7.65 -10.04 -8.90
CA LEU A 229 -7.49 -10.04 -7.41
C LEU A 229 -7.84 -8.66 -6.84
N ASN A 230 -7.32 -7.61 -7.46
CA ASN A 230 -7.62 -6.21 -7.07
C ASN A 230 -8.97 -5.78 -7.64
N GLU A 231 -9.15 -5.91 -8.97
CA GLU A 231 -10.34 -5.35 -9.68
C GLU A 231 -11.63 -5.95 -9.08
N ASP A 232 -11.64 -7.23 -8.67
CA ASP A 232 -12.86 -7.85 -8.13
C ASP A 232 -12.76 -8.03 -6.59
N HIS A 233 -11.85 -7.35 -5.91
CA HIS A 233 -11.95 -7.15 -4.44
C HIS A 233 -11.88 -8.50 -3.69
N TRP A 234 -10.92 -9.34 -4.03
CA TRP A 234 -10.77 -10.66 -3.38
C TRP A 234 -10.34 -10.47 -1.92
N PHE A 235 -9.66 -9.36 -1.63
CA PHE A 235 -9.14 -9.11 -0.27
C PHE A 235 -10.02 -8.09 0.46
N SER A 236 -11.28 -7.96 0.04
CA SER A 236 -12.25 -7.12 0.77
C SER A 236 -12.49 -7.79 2.12
N ARG A 237 -12.97 -7.04 3.11
CA ARG A 237 -13.28 -7.67 4.42
C ARG A 237 -14.44 -8.66 4.26
N GLU A 238 -15.45 -8.32 3.46
CA GLU A 238 -16.65 -9.20 3.29
C GLU A 238 -16.24 -10.57 2.73
N ASN A 239 -15.29 -10.59 1.79
CA ASN A 239 -14.88 -11.87 1.13
C ASN A 239 -13.70 -12.55 1.83
N SER A 240 -12.75 -11.80 2.40
CA SER A 240 -11.50 -12.39 2.98
C SER A 240 -11.57 -12.45 4.52
N LEU A 241 -12.37 -11.61 5.16
CA LEU A 241 -12.57 -11.62 6.64
C LEU A 241 -11.41 -10.94 7.38
N SER A 242 -10.16 -11.19 7.00
CA SER A 242 -9.00 -10.52 7.64
C SER A 242 -8.62 -9.28 6.84
N GLY A 243 -9.09 -9.20 5.60
CA GLY A 243 -8.70 -8.12 4.69
C GLY A 243 -9.39 -6.79 4.88
N VAL A 244 -8.82 -5.75 4.27
CA VAL A 244 -9.33 -4.36 4.38
C VAL A 244 -9.25 -3.65 3.02
N GLU A 245 -9.10 -4.41 1.92
CA GLU A 245 -8.92 -3.76 0.59
C GLU A 245 -10.15 -2.93 0.23
N GLY A 246 -9.95 -1.66 -0.09
CA GLY A 246 -11.06 -0.77 -0.49
C GLY A 246 -11.86 -0.22 0.67
N GLU A 247 -11.40 -0.43 1.91
CA GLU A 247 -12.23 -0.01 3.07
C GLU A 247 -12.13 1.50 3.30
N GLY A 248 -10.94 2.10 3.21
CA GLY A 248 -10.81 3.53 3.53
C GLY A 248 -10.31 3.79 4.94
N LEU A 249 -9.59 4.90 5.13
N LEU A 249 -9.59 4.89 5.13
CA LEU A 249 -9.02 5.22 6.47
CA LEU A 249 -9.03 5.23 6.48
C LEU A 249 -10.16 5.51 7.46
C LEU A 249 -10.18 5.47 7.45
N HIS A 250 -11.30 5.98 6.94
CA HIS A 250 -12.47 6.26 7.80
C HIS A 250 -13.18 4.97 8.24
N LYS A 251 -12.74 3.83 7.74
CA LYS A 251 -13.35 2.54 8.20
C LYS A 251 -12.36 1.74 9.08
N LEU A 252 -11.05 1.87 8.88
CA LEU A 252 -10.01 1.02 9.51
C LEU A 252 -10.17 1.06 11.03
N GLY A 253 -10.43 2.25 11.58
CA GLY A 253 -10.52 2.41 13.05
C GLY A 253 -11.71 1.65 13.58
N TYR A 254 -12.83 1.70 12.88
CA TYR A 254 -14.04 0.92 13.25
C TYR A 254 -13.73 -0.57 13.14
N ILE A 255 -12.99 -0.98 12.13
CA ILE A 255 -12.66 -2.41 11.95
C ILE A 255 -11.76 -2.87 13.13
N LEU A 256 -10.71 -2.13 13.49
CA LEU A 256 -9.89 -2.45 14.69
C LEU A 256 -10.76 -2.54 15.93
N ARG A 257 -11.69 -1.61 16.10
CA ARG A 257 -12.58 -1.64 17.29
C ARG A 257 -13.44 -2.89 17.28
N ASP A 258 -13.93 -3.33 16.12
CA ASP A 258 -14.74 -4.59 16.05
C ASP A 258 -13.85 -5.79 16.43
N VAL A 259 -12.62 -5.86 15.98
CA VAL A 259 -11.68 -6.92 16.42
C VAL A 259 -11.54 -6.85 17.95
N SER A 260 -11.43 -5.65 18.53
CA SER A 260 -11.21 -5.45 19.99
C SER A 260 -12.36 -6.12 20.74
N LYS A 261 -13.53 -6.24 20.15
CA LYS A 261 -14.80 -6.67 20.82
C LYS A 261 -14.85 -8.19 21.02
N LYS A 262 -14.04 -8.94 20.28
CA LYS A 262 -13.86 -10.41 20.37
C LYS A 262 -13.18 -10.76 21.70
N GLU A 263 -13.59 -11.86 22.31
CA GLU A 263 -12.87 -12.43 23.48
C GLU A 263 -11.49 -12.81 22.99
N GLY A 264 -10.44 -12.44 23.73
CA GLY A 264 -9.08 -12.95 23.51
C GLY A 264 -8.03 -12.25 24.35
N GLY A 265 -6.79 -12.29 23.92
CA GLY A 265 -5.68 -11.61 24.62
C GLY A 265 -5.37 -10.24 24.01
N ALA A 266 -4.11 -9.83 24.05
CA ALA A 266 -3.67 -8.51 23.59
C ALA A 266 -3.87 -8.44 22.08
N MET A 267 -3.70 -7.26 21.52
CA MET A 267 -3.64 -7.08 20.05
C MET A 267 -2.15 -7.01 19.67
N TYR A 268 -1.75 -7.80 18.71
CA TYR A 268 -0.34 -7.89 18.28
C TYR A 268 -0.25 -7.22 16.92
N ALA A 269 0.81 -6.45 16.73
CA ALA A 269 1.08 -5.74 15.49
C ALA A 269 2.57 -5.78 15.26
N ASP A 270 3.09 -6.97 14.97
CA ASP A 270 4.51 -7.15 14.60
C ASP A 270 4.67 -6.81 13.12
N ASP A 271 5.52 -5.86 12.80
CA ASP A 271 6.05 -5.62 11.44
C ASP A 271 7.16 -6.63 11.14
N THR A 272 7.27 -7.04 9.86
CA THR A 272 8.34 -7.91 9.35
C THR A 272 9.49 -7.02 8.93
N ALA A 273 10.72 -7.47 9.15
CA ALA A 273 11.94 -6.82 8.62
C ALA A 273 12.07 -7.09 7.09
N GLY A 274 11.84 -6.08 6.26
CA GLY A 274 11.81 -6.16 4.77
C GLY A 274 11.03 -7.34 4.22
N TRP A 275 9.72 -7.33 4.36
CA TRP A 275 8.79 -8.40 3.90
C TRP A 275 9.10 -8.91 2.47
N ASP A 276 9.21 -8.03 1.48
CA ASP A 276 9.42 -8.40 0.06
C ASP A 276 10.68 -9.28 -0.11
N THR A 277 11.74 -8.99 0.64
CA THR A 277 13.05 -9.70 0.57
C THR A 277 12.94 -11.08 1.24
N ARG A 278 11.88 -11.33 2.03
CA ARG A 278 11.68 -12.56 2.85
C ARG A 278 10.68 -13.50 2.18
N ILE A 279 10.20 -13.16 0.97
CA ILE A 279 9.28 -14.04 0.21
C ILE A 279 10.12 -15.19 -0.38
N THR A 280 9.81 -16.42 0.00
CA THR A 280 10.54 -17.66 -0.37
C THR A 280 10.00 -18.14 -1.72
N LEU A 281 10.73 -19.02 -2.41
CA LEU A 281 10.18 -19.79 -3.55
C LEU A 281 8.96 -20.57 -3.05
N GLU A 282 8.99 -21.08 -1.82
CA GLU A 282 7.82 -21.82 -1.26
C GLU A 282 6.56 -20.93 -1.22
N ASP A 283 6.72 -19.66 -0.84
CA ASP A 283 5.60 -18.68 -0.81
C ASP A 283 5.12 -18.42 -2.25
N LEU A 284 6.04 -18.23 -3.20
CA LEU A 284 5.68 -18.01 -4.64
C LEU A 284 4.84 -19.19 -5.18
N LYS A 285 5.22 -20.42 -4.81
CA LYS A 285 4.54 -21.67 -5.23
C LYS A 285 3.18 -21.79 -4.54
N ASN A 286 3.05 -21.36 -3.28
CA ASN A 286 1.74 -21.39 -2.58
C ASN A 286 0.79 -20.34 -3.18
N GLU A 287 1.33 -19.22 -3.65
CA GLU A 287 0.54 -18.14 -4.31
C GLU A 287 0.03 -18.62 -5.67
N GLU A 288 0.88 -19.36 -6.40
CA GLU A 288 0.60 -19.93 -7.75
C GLU A 288 -0.64 -20.82 -7.71
N MET A 289 -0.97 -21.40 -6.55
CA MET A 289 -2.12 -22.29 -6.41
C MET A 289 -3.42 -21.55 -6.72
N VAL A 290 -3.44 -20.22 -6.78
CA VAL A 290 -4.67 -19.53 -7.29
C VAL A 290 -5.00 -20.03 -8.71
N THR A 291 -4.03 -20.40 -9.55
CA THR A 291 -4.27 -20.90 -10.93
C THR A 291 -5.12 -22.18 -10.91
N ASN A 292 -5.07 -22.94 -9.82
CA ASN A 292 -5.93 -24.14 -9.66
C ASN A 292 -7.42 -23.80 -9.68
N HIS A 293 -7.81 -22.53 -9.55
CA HIS A 293 -9.24 -22.13 -9.50
C HIS A 293 -9.68 -21.58 -10.87
N MET A 294 -8.74 -21.61 -11.81
CA MET A 294 -8.85 -20.96 -13.14
C MET A 294 -9.10 -22.05 -14.20
N GLU A 295 -9.21 -21.63 -15.46
CA GLU A 295 -9.53 -22.53 -16.58
C GLU A 295 -9.13 -21.91 -17.92
N GLY A 296 -9.07 -22.76 -18.93
CA GLY A 296 -8.85 -22.35 -20.33
C GLY A 296 -7.54 -21.62 -20.44
N GLU A 297 -7.51 -20.65 -21.34
CA GLU A 297 -6.40 -19.70 -21.59
C GLU A 297 -5.97 -19.07 -20.24
N HIS A 298 -6.91 -18.59 -19.43
CA HIS A 298 -6.59 -17.76 -18.25
C HIS A 298 -5.56 -18.53 -17.42
N LYS A 299 -5.90 -19.77 -17.12
CA LYS A 299 -5.04 -20.69 -16.37
C LYS A 299 -3.63 -20.72 -16.96
N LYS A 300 -3.48 -20.76 -18.29
CA LYS A 300 -2.14 -20.90 -18.95
C LYS A 300 -1.42 -19.58 -18.79
N LEU A 301 -2.13 -18.49 -19.05
CA LEU A 301 -1.57 -17.12 -18.97
C LEU A 301 -1.09 -16.86 -17.52
N ALA A 302 -1.90 -17.19 -16.51
CA ALA A 302 -1.61 -16.99 -15.06
C ALA A 302 -0.43 -17.90 -14.65
N GLU A 303 -0.39 -19.14 -15.12
CA GLU A 303 0.72 -20.08 -14.83
C GLU A 303 2.02 -19.53 -15.37
N ALA A 304 1.93 -18.89 -16.55
CA ALA A 304 3.10 -18.34 -17.23
C ALA A 304 3.66 -17.17 -16.41
N ILE A 305 2.81 -16.26 -15.94
CA ILE A 305 3.29 -15.08 -15.18
C ILE A 305 4.02 -15.67 -13.96
N PHE A 306 3.40 -16.59 -13.23
CA PHE A 306 3.98 -17.18 -11.98
C PHE A 306 5.32 -17.86 -12.30
N LYS A 307 5.33 -18.76 -13.29
CA LYS A 307 6.54 -19.54 -13.72
C LYS A 307 7.67 -18.64 -14.21
N LEU A 308 7.36 -17.72 -15.11
CA LEU A 308 8.37 -17.02 -15.97
C LEU A 308 8.80 -15.69 -15.36
N THR A 309 7.87 -14.90 -14.79
CA THR A 309 8.14 -13.49 -14.36
C THR A 309 8.29 -13.40 -12.83
N TYR A 310 7.81 -14.38 -12.06
CA TYR A 310 7.84 -14.36 -10.57
C TYR A 310 8.86 -15.40 -10.07
N GLN A 311 8.62 -16.68 -10.37
CA GLN A 311 9.48 -17.81 -9.88
C GLN A 311 10.86 -17.87 -10.56
N ASN A 312 11.08 -17.10 -11.63
CA ASN A 312 12.36 -17.07 -12.40
C ASN A 312 12.56 -15.70 -13.06
N LYS A 313 12.98 -14.69 -12.29
CA LYS A 313 12.96 -13.26 -12.70
C LYS A 313 14.25 -12.93 -13.48
N VAL A 314 14.28 -11.75 -14.10
CA VAL A 314 15.47 -11.14 -14.76
C VAL A 314 15.39 -9.63 -14.54
N VAL A 315 16.50 -9.02 -14.11
CA VAL A 315 16.52 -7.59 -13.70
C VAL A 315 17.74 -6.92 -14.31
N ARG A 316 17.58 -5.66 -14.67
CA ARG A 316 18.65 -4.76 -15.14
C ARG A 316 18.83 -3.66 -14.06
N VAL A 317 20.00 -3.63 -13.42
CA VAL A 317 20.33 -2.67 -12.32
C VAL A 317 21.53 -1.81 -12.74
N GLN A 318 21.38 -0.48 -12.73
CA GLN A 318 22.48 0.48 -13.00
C GLN A 318 23.47 0.47 -11.82
N ARG A 319 24.76 0.30 -12.10
CA ARG A 319 25.88 0.34 -11.12
C ARG A 319 26.85 1.44 -11.53
N PRO A 320 27.03 2.51 -10.73
CA PRO A 320 27.95 3.61 -11.10
C PRO A 320 29.40 3.33 -11.53
N THR A 321 30.00 2.22 -11.08
CA THR A 321 31.43 1.86 -11.32
C THR A 321 31.72 1.86 -12.83
N THR A 325 28.80 4.50 -15.45
CA THR A 325 27.57 3.71 -15.17
C THR A 325 27.52 2.48 -16.09
N VAL A 326 27.17 1.31 -15.54
CA VAL A 326 27.03 0.03 -16.28
C VAL A 326 25.74 -0.65 -15.83
N MET A 327 25.07 -1.36 -16.75
CA MET A 327 23.78 -2.08 -16.50
C MET A 327 24.07 -3.57 -16.30
N ASP A 328 24.02 -4.04 -15.05
CA ASP A 328 24.19 -5.47 -14.68
C ASP A 328 22.87 -6.21 -14.92
N ILE A 329 22.92 -7.29 -15.70
CA ILE A 329 21.78 -8.20 -15.95
C ILE A 329 21.92 -9.39 -15.01
N ILE A 330 21.09 -9.43 -13.96
CA ILE A 330 21.18 -10.45 -12.89
C ILE A 330 19.83 -11.14 -12.81
N SER A 331 19.80 -12.26 -12.08
CA SER A 331 18.57 -13.07 -11.98
C SER A 331 18.47 -13.72 -10.59
N ARG A 332 17.26 -14.14 -10.18
CA ARG A 332 17.04 -14.85 -8.90
C ARG A 332 15.66 -15.50 -8.96
N ARG A 333 15.40 -16.51 -8.12
CA ARG A 333 14.11 -17.24 -8.20
C ARG A 333 13.18 -16.84 -7.04
N ASP A 334 13.66 -16.02 -6.10
CA ASP A 334 12.82 -15.73 -4.90
C ASP A 334 12.69 -14.21 -4.68
N GLN A 335 12.03 -13.82 -3.59
CA GLN A 335 11.80 -12.39 -3.25
C GLN A 335 10.59 -11.86 -4.02
N ARG A 336 10.07 -10.71 -3.63
CA ARG A 336 8.84 -10.17 -4.26
C ARG A 336 9.20 -9.33 -5.49
N GLY A 337 8.90 -9.86 -6.68
CA GLY A 337 9.09 -9.11 -7.94
C GLY A 337 7.85 -9.22 -8.81
N SER A 338 6.91 -8.27 -8.64
CA SER A 338 5.63 -8.17 -9.39
C SER A 338 5.28 -6.68 -9.55
N GLY A 339 4.04 -6.40 -9.96
CA GLY A 339 3.45 -5.04 -9.93
C GLY A 339 2.98 -4.70 -8.53
N GLN A 340 3.12 -3.43 -8.14
CA GLN A 340 2.77 -2.91 -6.79
C GLN A 340 1.34 -3.34 -6.40
N VAL A 341 0.41 -3.42 -7.36
CA VAL A 341 -1.01 -3.80 -7.06
C VAL A 341 -1.11 -5.33 -6.89
N VAL A 342 -0.49 -6.13 -7.76
CA VAL A 342 -0.53 -7.60 -7.53
C VAL A 342 0.29 -7.93 -6.27
N THR A 343 1.41 -7.26 -6.06
CA THR A 343 2.26 -7.37 -4.85
C THR A 343 1.41 -7.20 -3.58
N TYR A 344 0.49 -6.24 -3.60
CA TYR A 344 -0.38 -5.93 -2.45
C TYR A 344 -1.22 -7.17 -2.16
N GLY A 345 -1.85 -7.71 -3.20
CA GLY A 345 -2.84 -8.80 -3.02
C GLY A 345 -2.13 -10.06 -2.56
N LEU A 346 -0.96 -10.35 -3.11
CA LEU A 346 -0.24 -11.60 -2.80
C LEU A 346 0.45 -11.47 -1.42
N ASN A 347 0.99 -10.29 -1.10
CA ASN A 347 1.46 -9.96 0.28
C ASN A 347 0.31 -10.19 1.27
N THR A 348 -0.88 -9.66 1.00
CA THR A 348 -2.04 -9.89 1.90
C THR A 348 -2.27 -11.40 2.09
N PHE A 349 -2.31 -12.17 1.00
CA PHE A 349 -2.61 -13.64 1.01
C PHE A 349 -1.61 -14.38 1.90
N THR A 350 -0.32 -14.17 1.66
CA THR A 350 0.78 -14.88 2.31
C THR A 350 0.85 -14.44 3.78
N ASN A 351 0.53 -13.18 4.07
CA ASN A 351 0.48 -12.65 5.45
C ASN A 351 -0.70 -13.30 6.18
N MET A 352 -1.86 -13.39 5.55
CA MET A 352 -3.02 -14.08 6.16
C MET A 352 -2.58 -15.50 6.52
N GLU A 353 -1.87 -16.17 5.61
CA GLU A 353 -1.47 -17.58 5.77
C GLU A 353 -0.52 -17.69 7.00
N ALA A 354 0.56 -16.92 7.00
CA ALA A 354 1.55 -16.86 8.08
C ALA A 354 0.87 -16.59 9.42
N GLN A 355 -0.08 -15.63 9.46
CA GLN A 355 -0.72 -15.29 10.75
C GLN A 355 -1.65 -16.40 11.23
N LEU A 356 -2.41 -17.07 10.36
CA LEU A 356 -3.25 -18.25 10.80
C LEU A 356 -2.34 -19.35 11.39
N ILE A 357 -1.18 -19.59 10.81
CA ILE A 357 -0.22 -20.62 11.25
C ILE A 357 0.37 -20.19 12.61
N ARG A 358 0.76 -18.92 12.74
CA ARG A 358 1.20 -18.41 14.05
C ARG A 358 0.10 -18.62 15.09
N GLN A 359 -1.14 -18.34 14.74
CA GLN A 359 -2.28 -18.59 15.66
C GLN A 359 -2.31 -20.09 15.98
N MET A 360 -2.24 -20.98 15.00
CA MET A 360 -2.28 -22.47 15.22
C MET A 360 -1.21 -22.87 16.25
N GLU A 361 0.01 -22.39 16.10
CA GLU A 361 1.12 -22.67 17.00
C GLU A 361 0.79 -22.22 18.41
N GLY A 362 0.19 -21.03 18.58
CA GLY A 362 -0.20 -20.52 19.90
C GLY A 362 -1.28 -21.38 20.55
N GLU A 363 -2.16 -21.99 19.76
CA GLU A 363 -3.25 -22.84 20.29
C GLU A 363 -2.73 -24.29 20.44
N GLY A 364 -1.47 -24.56 20.09
CA GLY A 364 -0.90 -25.91 20.16
C GLY A 364 -1.60 -26.90 19.23
N VAL A 365 -1.93 -26.48 18.00
CA VAL A 365 -2.53 -27.38 16.97
C VAL A 365 -1.46 -28.37 16.50
N PHE A 366 -0.20 -27.94 16.40
CA PHE A 366 0.99 -28.77 16.12
C PHE A 366 2.10 -28.50 17.14
N LYS A 367 2.97 -29.48 17.34
CA LYS A 367 4.08 -29.44 18.33
C LYS A 367 5.34 -28.87 17.67
N SER A 368 5.79 -29.48 16.57
CA SER A 368 7.11 -29.24 15.94
C SER A 368 6.96 -28.89 14.45
N ILE A 369 7.85 -28.03 13.95
CA ILE A 369 7.89 -27.54 12.54
C ILE A 369 8.86 -28.40 11.71
N GLN A 370 9.77 -29.12 12.38
CA GLN A 370 10.80 -29.98 11.73
C GLN A 370 10.10 -31.06 10.90
N HIS A 371 9.04 -31.66 11.47
CA HIS A 371 8.22 -32.74 10.84
C HIS A 371 6.79 -32.65 11.37
N LEU A 372 5.80 -32.86 10.49
CA LEU A 372 4.36 -32.91 10.83
C LEU A 372 3.88 -34.36 10.72
N THR A 373 3.26 -34.88 11.78
CA THR A 373 2.66 -36.25 11.82
C THR A 373 1.44 -36.28 10.90
N VAL A 374 0.87 -37.46 10.66
CA VAL A 374 -0.38 -37.63 9.84
C VAL A 374 -1.58 -37.19 10.69
N THR A 375 -1.48 -37.37 12.00
CA THR A 375 -2.56 -36.92 12.91
C THR A 375 -2.52 -35.40 13.02
N GLU A 376 -1.33 -34.80 13.02
CA GLU A 376 -1.20 -33.32 13.12
C GLU A 376 -1.70 -32.67 11.83
N GLU A 377 -1.49 -33.32 10.68
CA GLU A 377 -2.07 -32.78 9.43
C GLU A 377 -3.59 -32.81 9.54
N ILE A 378 -4.12 -33.90 10.11
CA ILE A 378 -5.59 -34.01 10.29
C ILE A 378 -6.04 -32.87 11.21
N ALA A 379 -5.30 -32.59 12.27
CA ALA A 379 -5.73 -31.56 13.25
C ALA A 379 -5.71 -30.17 12.62
N VAL A 380 -4.68 -29.86 11.84
CA VAL A 380 -4.58 -28.54 11.15
C VAL A 380 -5.78 -28.40 10.22
N LYS A 381 -6.13 -29.46 9.49
CA LYS A 381 -7.26 -29.41 8.54
C LYS A 381 -8.56 -29.22 9.32
N ASN A 382 -8.73 -29.93 10.44
CA ASN A 382 -10.00 -29.85 11.22
C ASN A 382 -10.12 -28.45 11.84
N TRP A 383 -9.00 -27.87 12.25
CA TRP A 383 -8.98 -26.50 12.85
C TRP A 383 -9.46 -25.50 11.81
N LEU A 384 -8.89 -25.57 10.61
CA LEU A 384 -9.24 -24.62 9.53
C LEU A 384 -10.73 -24.74 9.19
N VAL A 385 -11.25 -25.96 9.16
CA VAL A 385 -12.66 -26.20 8.79
C VAL A 385 -13.58 -25.76 9.92
N ARG A 386 -13.11 -25.92 11.16
CA ARG A 386 -14.00 -25.64 12.31
C ARG A 386 -13.88 -24.19 12.78
N VAL A 387 -12.71 -23.56 12.63
CA VAL A 387 -12.56 -22.20 13.25
C VAL A 387 -11.81 -21.23 12.33
N GLY A 388 -11.37 -21.71 11.16
CA GLY A 388 -10.58 -20.96 10.16
C GLY A 388 -11.17 -19.58 9.92
N ARG A 389 -12.47 -19.51 9.63
CA ARG A 389 -13.15 -18.23 9.31
C ARG A 389 -13.14 -17.37 10.57
N GLU A 390 -13.54 -17.91 11.71
CA GLU A 390 -13.51 -17.14 13.01
C GLU A 390 -12.10 -16.55 13.21
N ARG A 391 -11.05 -17.35 12.99
CA ARG A 391 -9.67 -16.89 13.24
C ARG A 391 -9.24 -15.80 12.23
N LEU A 392 -9.77 -15.82 11.01
CA LEU A 392 -9.54 -14.73 10.01
C LEU A 392 -10.18 -13.41 10.48
N SER A 393 -11.36 -13.51 11.08
CA SER A 393 -12.15 -12.34 11.51
C SER A 393 -11.41 -11.60 12.63
N ARG A 394 -10.48 -12.29 13.30
CA ARG A 394 -9.71 -11.76 14.47
C ARG A 394 -8.52 -10.96 13.99
N MET A 395 -8.40 -10.77 12.67
CA MET A 395 -7.23 -10.08 12.07
C MET A 395 -7.66 -8.95 11.12
N ALA A 396 -6.82 -7.92 11.01
CA ALA A 396 -6.90 -6.85 10.01
C ALA A 396 -5.57 -6.90 9.26
N ILE A 397 -5.55 -7.20 7.96
CA ILE A 397 -4.28 -7.43 7.23
C ILE A 397 -4.27 -6.58 5.96
N SER A 398 -3.23 -5.77 5.77
CA SER A 398 -3.07 -4.91 4.60
C SER A 398 -1.68 -5.13 4.08
N GLY A 399 -1.54 -5.94 3.03
CA GLY A 399 -0.21 -6.32 2.54
C GLY A 399 0.61 -6.94 3.66
N ASP A 400 1.82 -6.42 3.88
CA ASP A 400 2.77 -6.90 4.92
C ASP A 400 2.29 -6.51 6.32
N ASP A 401 1.33 -5.58 6.42
CA ASP A 401 0.94 -4.95 7.71
C ASP A 401 -0.25 -5.71 8.32
N CYS A 402 -0.16 -6.08 9.60
CA CYS A 402 -1.22 -6.82 10.32
C CYS A 402 -1.41 -6.37 11.76
N VAL A 403 -2.62 -6.64 12.23
CA VAL A 403 -3.08 -6.60 13.64
C VAL A 403 -3.80 -7.93 13.86
N VAL A 404 -3.42 -8.68 14.90
CA VAL A 404 -4.07 -9.95 15.30
C VAL A 404 -4.52 -9.81 16.73
N LYS A 405 -5.75 -10.21 17.00
CA LYS A 405 -6.26 -10.48 18.34
C LYS A 405 -6.44 -11.98 18.49
N PRO A 406 -5.40 -12.69 18.94
CA PRO A 406 -5.50 -14.14 19.10
C PRO A 406 -6.43 -14.54 20.24
N LEU A 407 -6.70 -15.83 20.31
CA LEU A 407 -7.52 -16.45 21.38
C LEU A 407 -6.97 -16.12 22.79
N ASP A 408 -5.65 -15.99 22.95
CA ASP A 408 -5.00 -15.65 24.25
C ASP A 408 -3.53 -15.30 24.03
N ASP A 409 -2.76 -15.06 25.08
CA ASP A 409 -1.41 -14.48 24.89
C ASP A 409 -0.34 -15.54 24.70
N ARG A 410 -0.68 -16.82 24.50
CA ARG A 410 0.39 -17.79 24.11
C ARG A 410 0.94 -17.44 22.74
N PHE A 411 0.16 -16.74 21.90
CA PHE A 411 0.57 -16.26 20.56
C PHE A 411 1.87 -15.46 20.64
N ALA A 412 2.07 -14.65 21.70
CA ALA A 412 3.25 -13.77 21.88
C ALA A 412 4.57 -14.55 21.81
N SER A 413 4.61 -15.79 22.29
CA SER A 413 5.86 -16.61 22.29
C SER A 413 5.78 -17.74 21.26
N ALA A 414 4.81 -17.72 20.34
CA ALA A 414 4.68 -18.75 19.28
C ALA A 414 5.46 -18.29 18.07
N LEU A 415 6.75 -18.57 18.07
CA LEU A 415 7.73 -17.94 17.15
C LEU A 415 8.38 -18.92 16.18
N THR A 416 8.17 -20.22 16.32
CA THR A 416 9.04 -21.17 15.56
C THR A 416 8.60 -21.11 14.11
N ALA A 417 7.31 -21.32 13.81
CA ALA A 417 6.81 -21.31 12.41
C ALA A 417 7.11 -19.96 11.73
N LEU A 418 6.85 -18.86 12.43
CA LEU A 418 7.01 -17.48 11.90
C LEU A 418 8.45 -17.26 11.50
N ASN A 419 9.40 -17.59 12.41
CA ASN A 419 10.84 -17.40 12.17
C ASN A 419 11.25 -18.33 11.02
N ASP A 420 10.77 -19.59 11.02
CA ASP A 420 11.16 -20.59 9.99
C ASP A 420 10.54 -20.27 8.61
N MET A 421 9.40 -19.57 8.54
CA MET A 421 8.84 -19.14 7.23
C MET A 421 9.69 -18.00 6.72
N GLY A 422 10.61 -17.50 7.55
CA GLY A 422 11.49 -16.36 7.22
C GLY A 422 10.84 -15.00 7.44
N LYS A 423 9.69 -14.92 8.12
CA LYS A 423 8.98 -13.65 8.42
C LYS A 423 9.47 -13.10 9.78
N VAL A 424 10.75 -12.76 9.82
CA VAL A 424 11.48 -12.34 11.05
C VAL A 424 10.95 -10.95 11.46
N ARG A 425 10.58 -10.78 12.74
CA ARG A 425 9.99 -9.52 13.22
C ARG A 425 11.08 -8.45 13.25
N LYS A 426 10.71 -7.20 12.92
CA LYS A 426 11.54 -5.96 12.97
C LYS A 426 11.79 -5.54 14.44
N ASP A 427 12.97 -5.02 14.75
CA ASP A 427 13.32 -4.33 16.04
C ASP A 427 12.87 -5.15 17.28
N ILE A 428 13.26 -6.41 17.37
CA ILE A 428 13.08 -7.28 18.56
C ILE A 428 13.93 -8.53 18.32
N GLN A 429 14.51 -9.11 19.37
CA GLN A 429 15.42 -10.27 19.23
C GLN A 429 14.59 -11.48 18.76
N GLN A 430 15.22 -12.31 17.96
CA GLN A 430 14.53 -13.36 17.19
C GLN A 430 13.62 -14.18 18.09
N TRP A 431 14.04 -14.48 19.33
CA TRP A 431 13.30 -15.41 20.20
C TRP A 431 12.67 -14.68 21.39
N GLU A 432 12.65 -13.34 21.38
CA GLU A 432 11.97 -12.55 22.44
C GLU A 432 10.46 -12.52 22.15
N PRO A 433 9.58 -12.73 23.15
CA PRO A 433 8.16 -12.66 22.93
C PRO A 433 7.64 -11.28 22.53
N SER A 434 6.65 -11.25 21.63
CA SER A 434 5.98 -10.02 21.14
C SER A 434 5.38 -9.25 22.32
N ARG A 435 5.54 -7.93 22.32
CA ARG A 435 4.83 -6.99 23.22
C ARG A 435 3.48 -6.65 22.55
N GLY A 436 2.37 -7.03 23.19
CA GLY A 436 1.03 -6.76 22.68
C GLY A 436 0.47 -5.46 23.24
N TRP A 437 -0.63 -4.99 22.67
CA TRP A 437 -1.31 -3.74 23.05
C TRP A 437 -2.55 -4.14 23.79
N ASN A 438 -2.89 -3.42 24.84
CA ASN A 438 -4.17 -3.68 25.60
C ASN A 438 -5.29 -2.75 25.17
N ASP A 439 -4.99 -1.67 24.45
CA ASP A 439 -5.98 -0.62 24.07
C ASP A 439 -6.03 -0.54 22.54
N TRP A 440 -7.14 -0.79 21.88
CA TRP A 440 -7.23 -0.70 20.40
C TRP A 440 -6.84 0.70 19.88
N THR A 441 -6.90 1.75 20.71
CA THR A 441 -6.61 3.16 20.29
C THR A 441 -5.12 3.48 20.30
N GLN A 442 -4.32 2.51 20.77
CA GLN A 442 -2.83 2.57 20.82
C GLN A 442 -2.22 1.81 19.63
N VAL A 443 -2.94 0.83 19.09
CA VAL A 443 -2.43 -0.12 18.04
C VAL A 443 -2.06 0.64 16.78
N PRO A 444 -0.84 0.46 16.26
CA PRO A 444 -0.47 1.03 14.97
C PRO A 444 -0.97 0.14 13.82
N PHE A 445 -1.52 0.74 12.74
CA PHE A 445 -1.98 0.01 11.54
C PHE A 445 -2.03 1.00 10.38
N CYS A 446 -1.44 0.61 9.25
CA CYS A 446 -1.37 1.40 8.00
C CYS A 446 -0.90 2.82 8.27
N SER A 447 0.15 2.94 9.10
CA SER A 447 0.86 4.20 9.42
C SER A 447 0.02 5.11 10.33
N HIS A 448 -1.05 4.58 10.95
CA HIS A 448 -2.02 5.38 11.74
C HIS A 448 -2.30 4.75 13.12
N HIS A 449 -2.83 5.57 14.02
CA HIS A 449 -3.61 5.16 15.22
C HIS A 449 -5.02 5.75 15.11
N PHE A 450 -5.97 5.23 15.91
CA PHE A 450 -7.40 5.60 15.81
C PHE A 450 -7.89 6.12 17.17
N HIS A 451 -8.57 7.28 17.14
CA HIS A 451 -9.22 7.87 18.35
C HIS A 451 -10.72 7.63 18.31
N GLU A 452 -11.30 7.46 19.48
CA GLU A 452 -12.77 7.42 19.70
C GLU A 452 -13.23 8.84 20.09
N LEU A 453 -14.04 9.47 19.26
CA LEU A 453 -14.39 10.88 19.45
C LEU A 453 -15.92 11.00 19.49
N ILE A 454 -16.44 11.57 20.56
CA ILE A 454 -17.91 11.61 20.84
C ILE A 454 -18.41 12.97 20.40
N MET A 455 -19.43 12.96 19.53
CA MET A 455 -20.03 14.20 18.99
C MET A 455 -20.94 14.83 20.04
N LYS A 456 -21.13 16.14 19.97
N LYS A 456 -21.14 16.15 19.96
CA LYS A 456 -21.99 16.90 20.92
CA LYS A 456 -21.99 16.93 20.88
C LYS A 456 -23.36 16.23 21.04
C LYS A 456 -23.35 16.22 21.04
N ASP A 457 -23.83 15.54 20.00
CA ASP A 457 -25.12 14.77 20.02
C ASP A 457 -24.96 13.28 20.42
N GLY A 458 -23.80 12.82 20.91
CA GLY A 458 -23.63 11.47 21.47
C GLY A 458 -23.21 10.44 20.43
N ARG A 459 -23.25 10.76 19.14
CA ARG A 459 -22.86 9.79 18.10
C ARG A 459 -21.33 9.64 18.15
N VAL A 460 -20.86 8.48 17.76
CA VAL A 460 -19.45 8.11 17.96
C VAL A 460 -18.70 8.06 16.64
N LEU A 461 -17.67 8.89 16.52
CA LEU A 461 -16.69 8.84 15.41
C LEU A 461 -15.44 8.05 15.89
N VAL A 462 -14.95 7.14 15.06
CA VAL A 462 -13.60 6.54 15.14
C VAL A 462 -12.80 7.09 13.98
N VAL A 463 -11.78 7.87 14.32
CA VAL A 463 -11.06 8.76 13.39
C VAL A 463 -9.59 8.32 13.33
N PRO A 464 -9.00 8.42 12.13
CA PRO A 464 -7.60 8.07 11.91
C PRO A 464 -6.73 9.25 12.27
N CYS A 465 -5.49 8.97 12.68
CA CYS A 465 -4.55 9.98 13.21
C CYS A 465 -3.10 9.50 13.02
N ARG A 466 -2.17 10.43 12.89
CA ARG A 466 -0.71 10.17 12.98
C ARG A 466 0.01 11.46 13.38
N ASN A 467 1.31 11.37 13.68
CA ASN A 467 2.09 12.56 14.06
C ASN A 467 1.87 13.66 12.98
N GLN A 468 1.50 14.84 13.44
CA GLN A 468 1.02 15.92 12.56
C GLN A 468 2.21 16.42 11.76
N ASP A 469 3.42 16.21 12.26
CA ASP A 469 4.64 16.59 11.51
C ASP A 469 4.67 15.77 10.21
N GLU A 470 4.26 14.51 10.30
CA GLU A 470 4.27 13.60 9.14
C GLU A 470 3.24 14.12 8.09
N LEU A 471 2.04 14.48 8.51
CA LEU A 471 0.97 14.96 7.60
C LEU A 471 1.38 16.25 6.90
N ILE A 472 1.91 17.20 7.65
CA ILE A 472 2.31 18.50 7.05
C ILE A 472 3.53 18.31 6.14
N GLY A 473 4.50 17.52 6.55
CA GLY A 473 5.73 17.27 5.78
C GLY A 473 5.41 16.58 4.43
N ARG A 474 4.44 15.68 4.37
CA ARG A 474 4.05 14.98 3.11
C ARG A 474 3.31 15.96 2.17
N ALA A 475 2.44 16.83 2.70
CA ALA A 475 1.60 17.75 1.87
C ALA A 475 2.52 18.80 1.25
N ARG A 476 3.70 18.98 1.84
CA ARG A 476 4.71 19.97 1.35
C ARG A 476 5.57 19.44 0.21
N ILE A 477 5.42 18.19 -0.16
CA ILE A 477 6.23 17.60 -1.25
C ILE A 477 5.35 17.33 -2.47
N SER A 478 5.86 17.70 -3.66
N SER A 478 5.85 17.69 -3.66
CA SER A 478 5.31 17.31 -4.97
CA SER A 478 5.26 17.31 -4.98
C SER A 478 6.26 16.29 -5.63
C SER A 478 6.22 16.35 -5.71
N GLN A 479 5.73 15.16 -6.08
CA GLN A 479 6.50 14.13 -6.84
C GLN A 479 6.66 14.58 -8.30
N GLY A 480 7.89 14.48 -8.83
CA GLY A 480 8.24 14.90 -10.20
C GLY A 480 8.14 16.41 -10.34
N ALA A 481 8.66 16.94 -11.44
CA ALA A 481 8.69 18.38 -11.75
C ALA A 481 8.05 18.61 -13.14
N GLY A 482 8.05 19.87 -13.59
CA GLY A 482 7.31 20.33 -14.79
C GLY A 482 5.95 20.89 -14.41
N TRP A 483 5.70 21.10 -13.11
CA TRP A 483 4.35 21.46 -12.60
C TRP A 483 4.12 22.97 -12.79
N SER A 484 2.99 23.31 -13.36
CA SER A 484 2.53 24.70 -13.43
C SER A 484 2.16 25.18 -12.03
N LEU A 485 1.95 26.48 -11.82
CA LEU A 485 1.36 27.05 -10.58
C LEU A 485 -0.03 26.46 -10.32
N ARG A 486 -0.81 26.28 -11.39
CA ARG A 486 -2.20 25.78 -11.26
C ARG A 486 -2.23 24.32 -10.77
N GLU A 487 -1.38 23.47 -11.35
CA GLU A 487 -1.23 22.03 -10.98
C GLU A 487 -0.79 21.93 -9.50
N THR A 488 0.22 22.72 -9.11
CA THR A 488 0.76 22.76 -7.71
C THR A 488 -0.37 23.15 -6.75
N ALA A 489 -1.22 24.12 -7.14
CA ALA A 489 -2.35 24.61 -6.34
C ALA A 489 -3.40 23.50 -6.16
N CYS A 490 -3.68 22.74 -7.23
CA CYS A 490 -4.71 21.66 -7.28
C CYS A 490 -4.20 20.48 -6.43
N LEU A 491 -2.91 20.24 -6.41
CA LEU A 491 -2.33 19.23 -5.48
C LEU A 491 -2.48 19.66 -4.01
N GLY A 492 -2.21 20.92 -3.72
CA GLY A 492 -2.40 21.46 -2.36
C GLY A 492 -3.82 21.32 -1.92
N LYS A 493 -4.75 21.54 -2.84
CA LYS A 493 -6.21 21.43 -2.58
C LYS A 493 -6.57 19.97 -2.31
N SER A 494 -5.97 19.02 -3.01
CA SER A 494 -6.18 17.57 -2.72
C SER A 494 -5.77 17.28 -1.27
N TYR A 495 -4.63 17.75 -0.83
CA TYR A 495 -4.19 17.53 0.59
C TYR A 495 -5.17 18.18 1.57
N ALA A 496 -5.56 19.44 1.25
CA ALA A 496 -6.49 20.21 2.09
C ALA A 496 -7.78 19.43 2.24
N GLN A 497 -8.35 18.93 1.14
CA GLN A 497 -9.67 18.22 1.22
C GLN A 497 -9.50 16.89 1.96
N MET A 498 -8.38 16.20 1.77
CA MET A 498 -8.10 14.96 2.52
C MET A 498 -8.10 15.31 4.03
N TRP A 499 -7.46 16.39 4.41
CA TRP A 499 -7.35 16.78 5.82
C TRP A 499 -8.74 17.09 6.39
N SER A 500 -9.60 17.78 5.62
N SER A 500 -9.61 17.77 5.61
CA SER A 500 -10.98 18.14 6.05
CA SER A 500 -10.98 18.15 6.05
C SER A 500 -11.80 16.87 6.26
C SER A 500 -11.83 16.89 6.23
N LEU A 501 -11.57 15.84 5.45
CA LEU A 501 -12.36 14.59 5.54
C LEU A 501 -11.80 13.62 6.60
N MET A 502 -10.49 13.45 6.70
CA MET A 502 -9.91 12.39 7.56
C MET A 502 -9.39 12.97 8.89
N TYR A 503 -8.82 14.19 8.87
CA TYR A 503 -8.06 14.79 9.98
C TYR A 503 -8.70 16.08 10.52
N PHE A 504 -10.02 16.22 10.41
CA PHE A 504 -10.80 17.43 10.78
C PHE A 504 -10.69 17.71 12.30
N HIS A 505 -10.52 16.61 13.06
CA HIS A 505 -10.49 16.57 14.54
C HIS A 505 -9.19 17.15 15.09
N ARG A 506 -8.20 17.36 14.21
CA ARG A 506 -6.95 18.10 14.53
C ARG A 506 -7.24 19.57 14.24
N ARG A 507 -6.95 20.46 15.21
CA ARG A 507 -7.24 21.92 15.12
C ARG A 507 -6.39 22.55 14.01
N ASP A 508 -5.10 22.21 13.91
CA ASP A 508 -4.15 22.88 12.98
C ASP A 508 -4.48 22.52 11.51
N LEU A 509 -4.92 21.29 11.26
CA LEU A 509 -5.20 20.77 9.89
C LEU A 509 -6.54 21.31 9.41
N ARG A 510 -7.52 21.53 10.29
CA ARG A 510 -8.80 22.11 9.89
C ARG A 510 -8.54 23.56 9.48
N LEU A 511 -7.73 24.24 10.23
CA LEU A 511 -7.43 25.66 9.94
C LEU A 511 -6.64 25.74 8.62
N ALA A 512 -5.60 24.95 8.45
CA ALA A 512 -4.72 25.03 7.27
C ALA A 512 -5.51 24.59 6.02
N ALA A 513 -6.42 23.63 6.17
CA ALA A 513 -7.24 23.07 5.08
C ALA A 513 -8.21 24.17 4.60
N ASN A 514 -8.84 24.83 5.56
CA ASN A 514 -9.75 25.98 5.26
C ASN A 514 -8.92 27.05 4.58
N ALA A 515 -7.72 27.34 5.06
CA ALA A 515 -6.87 28.37 4.43
C ALA A 515 -6.52 27.99 2.98
N ILE A 516 -6.06 26.78 2.73
CA ILE A 516 -5.63 26.37 1.37
C ILE A 516 -6.86 26.40 0.44
N CYS A 517 -8.02 25.88 0.85
CA CYS A 517 -9.25 25.91 0.02
C CYS A 517 -9.73 27.36 -0.22
N SER A 518 -9.35 28.29 0.65
CA SER A 518 -9.64 29.72 0.52
C SER A 518 -8.65 30.35 -0.46
N ALA A 519 -7.45 29.77 -0.57
CA ALA A 519 -6.36 30.39 -1.35
C ALA A 519 -6.36 29.88 -2.80
N VAL A 520 -6.98 28.76 -3.05
CA VAL A 520 -7.02 28.11 -4.39
C VAL A 520 -8.39 28.44 -4.99
N PRO A 521 -8.45 28.78 -6.31
CA PRO A 521 -9.72 29.12 -6.93
C PRO A 521 -10.77 28.05 -6.65
N SER A 522 -11.97 28.47 -6.25
N SER A 522 -11.97 28.47 -6.25
CA SER A 522 -13.09 27.63 -5.75
CA SER A 522 -13.10 27.64 -5.76
C SER A 522 -13.36 26.46 -6.71
C SER A 522 -13.36 26.46 -6.71
N HIS A 523 -13.39 26.71 -8.02
CA HIS A 523 -13.76 25.68 -9.05
C HIS A 523 -12.59 24.82 -9.53
N TRP A 524 -11.34 25.12 -9.18
CA TRP A 524 -10.18 24.31 -9.65
C TRP A 524 -10.25 22.89 -9.05
N VAL A 525 -10.02 21.91 -9.91
CA VAL A 525 -10.24 20.49 -9.58
C VAL A 525 -8.94 19.99 -8.90
N PRO A 526 -9.08 19.33 -7.75
CA PRO A 526 -7.97 18.62 -7.11
C PRO A 526 -7.36 17.49 -7.95
N THR A 527 -6.02 17.44 -8.04
CA THR A 527 -5.25 16.39 -8.77
C THR A 527 -4.27 15.66 -7.84
N SER A 528 -3.73 14.54 -8.33
CA SER A 528 -2.70 13.68 -7.70
C SER A 528 -1.88 13.04 -8.83
N ARG A 529 -0.67 12.50 -8.57
CA ARG A 529 0.13 11.82 -9.63
C ARG A 529 0.36 10.31 -9.36
N ALA A 536 -6.49 3.05 -0.81
CA ALA A 536 -7.60 3.68 -0.07
C ALA A 536 -8.77 3.99 -1.02
N THR A 537 -9.89 4.47 -0.49
CA THR A 537 -10.97 5.14 -1.25
C THR A 537 -10.80 6.64 -1.00
N HIS A 538 -10.76 7.43 -2.08
N HIS A 538 -10.77 7.43 -2.09
CA HIS A 538 -10.32 8.85 -2.10
CA HIS A 538 -10.33 8.85 -2.12
C HIS A 538 -11.53 9.77 -2.36
C HIS A 538 -11.53 9.77 -2.36
N GLU A 539 -12.42 9.88 -1.37
CA GLU A 539 -13.64 10.71 -1.49
C GLU A 539 -13.34 12.21 -1.45
N TRP A 540 -12.10 12.61 -1.18
CA TRP A 540 -11.71 14.03 -1.19
C TRP A 540 -11.40 14.48 -2.62
N MET A 541 -11.26 13.57 -3.58
CA MET A 541 -10.92 13.93 -4.99
C MET A 541 -12.23 14.28 -5.72
N THR A 542 -12.73 15.50 -5.53
CA THR A 542 -14.06 15.99 -5.97
C THR A 542 -14.10 17.52 -5.82
N THR A 543 -15.07 18.14 -6.51
CA THR A 543 -15.33 19.61 -6.41
C THR A 543 -16.59 19.85 -5.60
N GLU A 544 -17.28 18.79 -5.21
CA GLU A 544 -18.44 18.88 -4.30
C GLU A 544 -18.01 19.55 -2.99
N ASP A 545 -18.97 20.14 -2.29
CA ASP A 545 -18.82 20.87 -1.01
C ASP A 545 -18.29 19.88 0.05
N MET A 546 -17.26 20.25 0.82
CA MET A 546 -16.60 19.22 1.70
C MET A 546 -17.54 18.88 2.86
N LEU A 547 -18.43 19.77 3.31
CA LEU A 547 -19.38 19.34 4.38
C LEU A 547 -20.32 18.24 3.85
N THR A 548 -20.73 18.31 2.59
CA THR A 548 -21.65 17.30 2.00
C THR A 548 -20.96 15.92 1.93
N VAL A 549 -19.71 15.88 1.47
CA VAL A 549 -18.94 14.60 1.45
C VAL A 549 -18.76 14.05 2.87
N TRP A 550 -18.47 14.93 3.85
CA TRP A 550 -18.26 14.47 5.25
C TRP A 550 -19.52 13.77 5.73
N ASN A 551 -20.68 14.36 5.47
CA ASN A 551 -21.98 13.77 5.89
C ASN A 551 -22.19 12.42 5.19
N ARG A 552 -21.83 12.32 3.92
CA ARG A 552 -21.97 11.05 3.18
C ARG A 552 -21.05 9.97 3.77
N VAL A 553 -19.78 10.30 3.99
CA VAL A 553 -18.78 9.30 4.45
C VAL A 553 -18.96 8.96 5.93
N TRP A 554 -19.17 9.96 6.79
CA TRP A 554 -19.18 9.72 8.26
C TRP A 554 -20.60 9.40 8.79
N ILE A 555 -21.65 9.69 8.05
CA ILE A 555 -23.03 9.49 8.59
C ILE A 555 -23.83 8.53 7.71
N GLN A 556 -24.21 8.97 6.51
CA GLN A 556 -25.10 8.18 5.62
C GLN A 556 -24.53 6.81 5.27
N GLU A 557 -23.28 6.75 4.83
CA GLU A 557 -22.71 5.49 4.31
C GLU A 557 -21.92 4.75 5.41
N ASN A 558 -21.99 5.20 6.67
CA ASN A 558 -21.16 4.69 7.80
C ASN A 558 -21.99 3.61 8.48
N PRO A 559 -21.67 2.31 8.27
CA PRO A 559 -22.50 1.26 8.85
C PRO A 559 -22.43 1.18 10.38
N TRP A 560 -21.51 1.88 11.03
CA TRP A 560 -21.49 1.89 12.52
C TRP A 560 -22.33 3.03 13.12
N MET A 561 -22.96 3.89 12.29
CA MET A 561 -23.78 5.05 12.75
C MET A 561 -25.25 4.70 12.51
N GLU A 562 -26.03 4.49 13.58
CA GLU A 562 -27.47 4.10 13.47
C GLU A 562 -28.32 5.34 13.16
N ASP A 563 -28.06 6.48 13.81
CA ASP A 563 -28.83 7.73 13.59
C ASP A 563 -28.20 8.50 12.42
N LYS A 564 -28.99 8.80 11.39
CA LYS A 564 -28.47 9.29 10.09
C LYS A 564 -28.79 10.78 9.96
N THR A 565 -28.98 11.48 11.07
CA THR A 565 -29.28 12.94 11.04
C THR A 565 -28.09 13.68 10.44
N PRO A 566 -28.26 14.46 9.34
CA PRO A 566 -27.14 15.18 8.74
C PRO A 566 -26.57 16.17 9.76
N VAL A 567 -25.30 16.49 9.62
CA VAL A 567 -24.67 17.65 10.34
C VAL A 567 -24.88 18.87 9.43
N GLU A 568 -25.21 20.02 10.03
CA GLU A 568 -25.61 21.25 9.28
C GLU A 568 -24.44 22.22 9.11
N SER A 569 -23.37 22.10 9.94
CA SER A 569 -22.20 23.02 9.91
C SER A 569 -20.93 22.33 10.47
N TRP A 570 -19.79 22.92 10.18
CA TRP A 570 -18.49 22.37 10.63
C TRP A 570 -18.39 22.47 12.17
N GLU A 571 -19.07 23.42 12.80
CA GLU A 571 -18.94 23.61 14.26
C GLU A 571 -19.60 22.47 15.03
N GLU A 572 -20.54 21.75 14.43
CA GLU A 572 -21.12 20.50 15.01
C GLU A 572 -20.06 19.38 15.05
N ILE A 573 -18.94 19.52 14.32
CA ILE A 573 -17.96 18.42 14.05
C ILE A 573 -16.85 18.63 15.07
N PRO A 574 -16.64 17.67 15.99
CA PRO A 574 -15.74 17.85 17.14
C PRO A 574 -14.26 17.62 16.81
N TYR A 575 -13.39 18.02 17.74
CA TYR A 575 -11.92 17.82 17.71
C TYR A 575 -11.51 16.81 18.81
N LEU A 576 -10.26 16.34 18.75
CA LEU A 576 -9.58 15.67 19.88
C LEU A 576 -9.57 16.60 21.09
N GLY A 577 -9.20 16.09 22.27
CA GLY A 577 -8.85 16.94 23.42
C GLY A 577 -7.70 17.87 23.04
N LYS A 578 -7.68 19.07 23.62
CA LYS A 578 -6.57 20.05 23.46
C LYS A 578 -5.23 19.35 23.76
N ARG A 579 -5.19 18.53 24.81
CA ARG A 579 -3.92 17.84 25.24
C ARG A 579 -3.69 16.65 24.29
N GLU A 580 -4.71 15.89 23.92
CA GLU A 580 -4.51 14.79 22.92
C GLU A 580 -4.01 15.38 21.61
N ASP A 581 -4.47 16.57 21.23
CA ASP A 581 -4.06 17.22 19.95
C ASP A 581 -2.57 17.56 20.01
N GLN A 582 -2.15 18.15 21.11
CA GLN A 582 -0.77 18.64 21.27
C GLN A 582 0.11 17.42 21.44
N TRP A 583 -0.42 16.49 22.19
CA TRP A 583 0.30 15.23 22.37
C TRP A 583 0.59 14.71 20.97
N CYS A 584 -0.42 14.72 20.08
CA CYS A 584 -0.23 14.15 18.72
C CYS A 584 0.62 15.13 17.88
N GLY A 585 0.86 16.35 18.37
CA GLY A 585 1.78 17.28 17.65
C GLY A 585 1.22 18.64 17.27
N SER A 586 0.01 18.97 17.69
CA SER A 586 -0.50 20.34 17.41
C SER A 586 0.53 21.38 17.86
N LEU A 587 0.61 22.51 17.15
CA LEU A 587 1.51 23.63 17.53
C LEU A 587 0.75 24.61 18.41
N ILE A 588 -0.45 24.24 18.88
CA ILE A 588 -1.29 25.15 19.71
C ILE A 588 -0.59 25.48 21.04
N GLY A 589 -0.74 26.72 21.51
CA GLY A 589 -0.05 27.16 22.74
C GLY A 589 1.24 27.87 22.37
N LEU A 590 1.71 27.64 21.13
CA LEU A 590 2.96 28.29 20.65
C LEU A 590 2.62 29.66 20.07
N THR A 591 3.46 30.65 20.36
CA THR A 591 3.26 32.04 19.85
C THR A 591 3.27 32.03 18.34
N SER A 592 4.19 31.28 17.73
CA SER A 592 4.31 31.22 16.25
C SER A 592 3.00 30.75 15.61
N ARG A 593 2.22 29.90 16.30
CA ARG A 593 0.97 29.34 15.75
C ARG A 593 -0.18 30.35 15.85
N ALA A 594 -0.35 30.98 17.01
CA ALA A 594 -1.44 31.95 17.24
C ALA A 594 -1.35 33.12 16.25
N THR A 595 -0.13 33.58 15.95
CA THR A 595 0.09 34.65 14.95
C THR A 595 -0.41 34.17 13.60
N TRP A 596 -0.31 32.87 13.33
CA TRP A 596 -0.68 32.28 12.02
C TRP A 596 -2.20 32.19 11.94
N ALA A 597 -2.81 31.71 13.00
CA ALA A 597 -4.28 31.71 13.11
C ALA A 597 -4.85 33.14 13.07
N LYS A 598 -4.14 34.11 13.62
CA LYS A 598 -4.68 35.48 13.75
C LYS A 598 -4.54 36.21 12.44
N ASN A 599 -3.45 35.92 11.77
CA ASN A 599 -3.10 36.66 10.53
C ASN A 599 -3.30 35.78 9.29
N ILE A 600 -4.17 34.79 9.37
CA ILE A 600 -4.25 33.76 8.29
C ILE A 600 -4.71 34.43 6.96
N GLN A 601 -5.66 35.38 7.04
N GLN A 601 -5.65 35.38 7.04
CA GLN A 601 -6.23 36.07 5.84
CA GLN A 601 -6.23 36.06 5.84
C GLN A 601 -5.11 36.75 5.05
C GLN A 601 -5.11 36.75 5.05
N THR A 602 -4.04 37.18 5.72
CA THR A 602 -2.85 37.77 5.06
C THR A 602 -2.06 36.70 4.27
N ALA A 603 -2.00 35.47 4.76
CA ALA A 603 -1.28 34.36 4.10
C ALA A 603 -2.09 34.00 2.87
N ILE A 604 -3.38 33.81 3.08
CA ILE A 604 -4.36 33.48 2.02
C ILE A 604 -4.17 34.52 0.90
N ASN A 605 -4.15 35.80 1.25
CA ASN A 605 -4.07 36.92 0.27
C ASN A 605 -2.71 36.86 -0.44
N GLN A 606 -1.62 36.46 0.23
CA GLN A 606 -0.29 36.33 -0.44
C GLN A 606 -0.42 35.32 -1.60
N VAL A 607 -1.03 34.16 -1.32
CA VAL A 607 -1.15 33.07 -2.32
C VAL A 607 -2.16 33.54 -3.41
N ARG A 608 -3.26 34.20 -3.04
CA ARG A 608 -4.26 34.69 -4.05
C ARG A 608 -3.53 35.64 -5.02
N SER A 609 -2.70 36.54 -4.51
CA SER A 609 -1.94 37.49 -5.34
C SER A 609 -1.00 36.79 -6.30
N LEU A 610 -0.45 35.64 -5.94
CA LEU A 610 0.54 34.93 -6.77
C LEU A 610 -0.18 34.24 -7.93
N ILE A 611 -1.32 33.63 -7.62
CA ILE A 611 -2.13 32.86 -8.60
C ILE A 611 -2.84 33.84 -9.55
N GLY A 612 -3.34 34.96 -9.01
CA GLY A 612 -3.90 36.09 -9.79
C GLY A 612 -5.39 36.28 -9.55
N ASN A 613 -6.07 36.90 -10.49
CA ASN A 613 -7.47 37.38 -10.37
C ASN A 613 -8.39 36.23 -10.81
N GLU A 614 -8.94 35.50 -9.85
CA GLU A 614 -9.67 34.23 -10.05
C GLU A 614 -10.88 34.37 -9.15
N GLU A 615 -11.89 33.48 -9.27
CA GLU A 615 -13.02 33.38 -8.30
C GLU A 615 -12.48 32.53 -7.13
N TYR A 616 -12.43 33.11 -5.93
CA TYR A 616 -12.09 32.49 -4.62
C TYR A 616 -13.32 32.51 -3.70
N THR A 617 -13.37 31.55 -2.76
CA THR A 617 -14.31 31.48 -1.62
C THR A 617 -13.53 31.65 -0.29
N ASP A 618 -14.11 32.37 0.68
CA ASP A 618 -13.56 32.48 2.06
C ASP A 618 -14.19 31.35 2.86
N TYR A 619 -13.43 30.29 3.15
CA TYR A 619 -13.90 29.17 4.00
C TYR A 619 -13.61 29.43 5.50
N MET A 620 -12.83 30.44 5.84
CA MET A 620 -12.39 30.66 7.26
C MET A 620 -13.57 30.90 8.21
N PRO A 621 -14.68 31.57 7.84
CA PRO A 621 -15.85 31.66 8.74
C PRO A 621 -16.58 30.32 9.00
N SER A 622 -16.17 29.22 8.38
CA SER A 622 -16.77 27.91 8.75
C SER A 622 -16.38 27.66 10.20
N MET A 623 -15.31 28.32 10.66
CA MET A 623 -14.86 28.23 12.07
C MET A 623 -15.52 29.38 12.84
N LYS A 624 -16.08 29.10 14.02
CA LYS A 624 -16.81 30.11 14.80
C LYS A 624 -15.89 31.27 15.18
N ARG A 625 -14.60 30.96 15.39
CA ARG A 625 -13.64 32.01 15.84
C ARG A 625 -13.51 33.11 14.80
N PHE A 626 -13.50 32.74 13.53
CA PHE A 626 -13.34 33.74 12.44
C PHE A 626 -14.73 34.28 12.08
ZN ZN B . -3.51 10.85 17.43
ZN ZN C . 7.17 -12.59 -20.96
O1 MES D . 5.10 30.14 -7.41
O1 MES D . 5.37 30.02 -7.24
C2 MES D . 6.32 30.83 -7.16
C2 MES D . 6.42 30.80 -6.69
C3 MES D . 7.16 30.10 -6.16
C3 MES D . 6.94 30.23 -5.40
N4 MES D . 6.42 29.89 -4.88
N4 MES D . 5.82 30.11 -4.42
C5 MES D . 5.10 29.24 -5.17
C5 MES D . 4.80 29.21 -5.02
C6 MES D . 4.35 30.02 -6.21
C6 MES D . 4.31 29.84 -6.30
C7 MES D . 7.22 29.09 -3.90
C7 MES D . 6.25 29.63 -3.05
C8 MES D . 6.82 29.34 -2.45
C8 MES D . 7.56 28.87 -3.05
S MES D . 7.93 28.53 -1.32
S MES D . 8.20 28.64 -1.40
O1S MES D . 8.73 29.56 -0.74
O1S MES D . 7.92 29.88 -0.71
O2S MES D . 7.07 27.91 -0.32
O2S MES D . 7.45 27.54 -0.86
O3S MES D . 8.66 27.58 -2.07
O3S MES D . 9.59 28.39 -1.58
S DMS E . -13.10 23.71 3.08
O DMS E . -14.41 23.70 3.85
C1 DMS E . -13.47 22.90 1.54
C2 DMS E . -12.15 22.39 3.82
S DMS F . -16.42 23.38 17.97
O DMS F . -16.33 22.22 17.00
C1 DMS F . -15.83 24.81 17.10
C2 DMS F . -15.07 23.21 19.11
S DMS G . -3.24 13.17 -1.99
O DMS G . -4.24 12.88 -3.05
C1 DMS G . -3.09 11.66 -1.06
C2 DMS G . -4.11 14.10 -0.77
P PO4 H . 2.09 -3.11 12.23
O1 PO4 H . 2.91 -2.70 13.59
O2 PO4 H . 2.05 -4.72 12.01
O3 PO4 H . 0.60 -2.55 12.24
O4 PO4 H . 2.82 -2.44 11.12
P PO4 I . -0.84 -26.32 -11.57
O1 PO4 I . 0.47 -25.50 -11.67
O2 PO4 I . -0.82 -27.23 -10.34
O3 PO4 I . -2.04 -25.37 -11.49
O4 PO4 I . -0.99 -27.19 -12.83
C1 PEG J . -19.52 -4.30 9.34
O1 PEG J . -19.79 -3.33 8.32
C2 PEG J . -20.61 -4.41 10.36
O2 PEG J . -21.00 -3.08 10.74
C3 PEG J . -22.22 -3.04 11.48
C4 PEG J . -22.06 -2.11 12.64
O4 PEG J . -23.21 -2.01 13.46
N1 NY4 K . -10.96 24.73 17.22
C4 NY4 K . -8.95 27.13 18.40
C5 NY4 K . -7.77 27.25 19.10
C6 NY4 K . -7.53 26.46 20.20
C7 NY4 K . -6.03 26.39 22.18
C8 NY4 K . -4.60 26.61 22.57
C10 NY4 K . -4.31 27.75 23.50
C1 NY4 K . -12.34 25.75 18.83
C11 NY4 K . -8.49 25.54 20.60
C12 NY4 K . -9.67 25.42 19.90
C2 NY4 K . -11.14 25.97 17.94
C3 NY4 K . -9.91 26.20 18.77
C9 NY4 K . -4.25 26.36 24.01
N2 NY4 K . -6.28 26.57 20.86
O1 NY4 K . -6.89 26.09 22.99
CL CL L . -1.61 -0.47 25.31
#